data_9JV8
#
_entry.id   9JV8
#
_cell.length_a   37.389
_cell.length_b   75.642
_cell.length_c   102.524
_cell.angle_alpha   90.00
_cell.angle_beta   90.00
_cell.angle_gamma   90.00
#
_symmetry.space_group_name_H-M   'P 21 21 21'
#
loop_
_entity.id
_entity.type
_entity.pdbx_description
1 polymer 'ESX-1 secretion system protein EccCb1'
2 non-polymer "ADENOSINE-5'-TRIPHOSPHATE"
3 non-polymer 'MAGNESIUM ION'
4 water water
#
_entity_poly.entity_id   1
_entity_poly.type   'polypeptide(L)'
_entity_poly.pdbx_seq_one_letter_code
;MTAEPEVRTLREVVLDQLGTAESRAYKMWLPPLTNPVPLNELIARDRRQPLRFALGIMDEPRRHLQDVWGVDVSGAGGNI
GIGGAPQTGKSTLLQTMVMSAAATHSPRNVQFYCIDLGGGGLIYLENLPHVGGVANRSEPDKVNRVVAEMQAVMRQRETT
FKEHRVGSIGMYRQLRDDPSQPVASDPYGDVFLIIDGWPGFVGEFPDLEGQVQDLAAQGLAFGVHVIISTPRWTELKSRV
RDYLGTKIEFRLGDVNETQIDRITREIPANRPGRAVSMEKHHLMIGVPRFDGVHSADNLVEAITAGVTQIAS
;
_entity_poly.pdbx_strand_id   A
#
# COMPACT_ATOMS: atom_id res chain seq x y z
N LEU A 33 -18.46 -1.59 10.74
CA LEU A 33 -18.19 -0.84 11.98
C LEU A 33 -18.11 0.66 11.65
N THR A 34 -18.47 1.53 12.59
CA THR A 34 -18.47 2.97 12.24
C THR A 34 -17.19 3.62 12.73
N ASN A 35 -16.93 3.57 14.03
CA ASN A 35 -15.68 4.16 14.59
C ASN A 35 -14.47 3.33 14.15
N PRO A 36 -13.50 3.97 13.46
CA PRO A 36 -12.31 3.25 13.09
C PRO A 36 -11.41 2.93 14.28
N VAL A 37 -10.75 1.79 14.21
CA VAL A 37 -9.78 1.40 15.27
C VAL A 37 -8.41 2.04 14.94
N PRO A 38 -7.77 2.74 15.90
CA PRO A 38 -6.45 3.32 15.66
C PRO A 38 -5.40 2.23 15.54
N LEU A 39 -4.32 2.56 14.84
CA LEU A 39 -3.31 1.58 14.49
C LEU A 39 -2.63 0.99 15.72
N ASN A 40 -2.43 1.78 16.77
CA ASN A 40 -1.74 1.21 17.93
C ASN A 40 -2.51 0.02 18.49
N GLU A 41 -3.85 0.09 18.49
CA GLU A 41 -4.65 -1.03 18.94
C GLU A 41 -4.65 -2.18 17.93
N LEU A 42 -4.70 -1.86 16.63
CA LEU A 42 -4.67 -2.90 15.60
C LEU A 42 -3.35 -3.66 15.63
N ILE A 43 -2.23 -2.95 15.71
CA ILE A 43 -0.94 -3.61 15.82
C ILE A 43 -0.91 -4.48 17.07
N ALA A 44 -1.41 -3.95 18.20
CA ALA A 44 -1.33 -4.66 19.48
C ALA A 44 -2.18 -5.91 19.48
N ARG A 45 -3.33 -5.87 18.81
CA ARG A 45 -4.21 -7.03 18.74
C ARG A 45 -3.77 -8.03 17.68
N ASP A 46 -2.84 -7.66 16.80
CA ASP A 46 -2.47 -8.48 15.65
C ASP A 46 -1.38 -9.48 16.01
N ARG A 47 -1.44 -10.65 15.40
CA ARG A 47 -0.29 -11.56 15.42
C ARG A 47 0.61 -11.17 14.25
N ARG A 48 1.73 -10.52 14.55
CA ARG A 48 2.61 -9.98 13.52
C ARG A 48 3.22 -11.10 12.68
N GLN A 49 3.47 -10.79 11.40
CA GLN A 49 4.12 -11.64 10.42
C GLN A 49 4.97 -10.73 9.54
N PRO A 50 6.18 -11.14 9.17
CA PRO A 50 6.95 -10.36 8.18
C PRO A 50 6.14 -10.14 6.91
N LEU A 51 6.14 -8.89 6.44
CA LEU A 51 5.41 -8.44 5.25
C LEU A 51 3.90 -8.67 5.37
N ARG A 52 3.39 -8.67 6.61
CA ARG A 52 1.96 -8.47 6.88
C ARG A 52 1.76 -7.06 7.43
N PHE A 53 0.91 -6.28 6.77
CA PHE A 53 0.56 -4.93 7.22
C PHE A 53 -0.86 -4.96 7.73
N ALA A 54 -1.06 -4.79 9.04
CA ALA A 54 -2.41 -4.72 9.58
C ALA A 54 -3.07 -3.41 9.16
N LEU A 55 -4.34 -3.47 8.74
CA LEU A 55 -4.99 -2.31 8.14
C LEU A 55 -6.32 -1.90 8.78
N GLY A 56 -7.04 -2.85 9.37
CA GLY A 56 -8.37 -2.56 9.87
C GLY A 56 -9.07 -3.76 10.48
N ILE A 57 -10.39 -3.77 10.46
CA ILE A 57 -11.19 -4.80 11.11
C ILE A 57 -12.03 -5.51 10.06
N MET A 58 -12.07 -6.84 10.11
CA MET A 58 -12.88 -7.66 9.23
C MET A 58 -14.04 -8.26 10.01
N ASP A 59 -15.25 -8.00 9.54
CA ASP A 59 -16.43 -8.67 10.10
C ASP A 59 -16.53 -10.05 9.48
N GLU A 60 -16.28 -11.07 10.28
CA GLU A 60 -16.36 -12.44 9.82
C GLU A 60 -17.64 -13.02 10.40
N PRO A 61 -18.77 -13.03 9.66
CA PRO A 61 -20.08 -13.06 10.32
C PRO A 61 -20.59 -14.44 10.71
N ARG A 62 -20.02 -15.54 10.18
CA ARG A 62 -20.52 -16.87 10.51
C ARG A 62 -20.48 -17.12 12.02
N ARG A 63 -19.29 -17.02 12.62
CA ARG A 63 -19.18 -16.83 14.06
C ARG A 63 -19.18 -15.35 14.37
N HIS A 64 -19.62 -14.98 15.58
CA HIS A 64 -19.66 -13.56 15.88
C HIS A 64 -18.28 -13.14 16.38
N LEU A 65 -17.43 -12.70 15.45
CA LEU A 65 -16.10 -12.25 15.82
C LEU A 65 -15.60 -11.25 14.78
N GLN A 66 -14.71 -10.37 15.22
CA GLN A 66 -14.30 -9.18 14.45
C GLN A 66 -12.80 -8.98 14.65
N ASP A 67 -12.00 -9.50 13.74
CA ASP A 67 -10.56 -9.54 13.99
C ASP A 67 -9.81 -8.55 13.12
N VAL A 68 -8.53 -8.42 13.45
CA VAL A 68 -7.65 -7.51 12.72
C VAL A 68 -7.46 -8.03 11.31
N TRP A 69 -7.69 -7.17 10.33
CA TRP A 69 -7.52 -7.51 8.94
C TRP A 69 -6.29 -6.80 8.38
N GLY A 70 -5.51 -7.52 7.57
CA GLY A 70 -4.35 -6.93 6.94
C GLY A 70 -4.08 -7.52 5.58
N VAL A 71 -2.98 -7.08 4.96
CA VAL A 71 -2.54 -7.63 3.68
C VAL A 71 -1.20 -8.35 3.82
N ASP A 72 -1.10 -9.50 3.18
CA ASP A 72 0.15 -10.23 3.04
C ASP A 72 0.79 -9.80 1.72
N VAL A 73 1.91 -9.09 1.78
CA VAL A 73 2.60 -8.63 0.57
C VAL A 73 3.87 -9.44 0.31
N SER A 74 4.02 -10.60 0.96
CA SER A 74 5.20 -11.45 0.78
C SER A 74 5.18 -12.24 -0.53
N GLY A 75 4.02 -12.42 -1.14
CA GLY A 75 3.89 -13.23 -2.34
C GLY A 75 2.95 -12.65 -3.37
N ALA A 76 1.96 -13.42 -3.81
CA ALA A 76 1.10 -12.94 -4.88
C ALA A 76 0.16 -11.82 -4.45
N GLY A 77 0.09 -11.48 -3.17
CA GLY A 77 -0.66 -10.31 -2.77
C GLY A 77 0.17 -9.05 -2.74
N GLY A 78 1.36 -9.06 -3.34
CA GLY A 78 2.31 -7.98 -3.13
C GLY A 78 1.93 -6.68 -3.80
N ASN A 79 1.16 -6.73 -4.88
CA ASN A 79 0.65 -5.55 -5.56
C ASN A 79 -0.82 -5.35 -5.21
N ILE A 80 -1.22 -4.09 -5.02
CA ILE A 80 -2.51 -3.78 -4.43
C ILE A 80 -3.21 -2.73 -5.30
N GLY A 81 -4.48 -2.98 -5.63
CA GLY A 81 -5.30 -2.01 -6.33
C GLY A 81 -6.41 -1.55 -5.41
N ILE A 82 -6.60 -0.22 -5.34
CA ILE A 82 -7.56 0.39 -4.43
C ILE A 82 -8.57 1.18 -5.27
N GLY A 83 -9.85 0.82 -5.16
CA GLY A 83 -10.92 1.52 -5.89
C GLY A 83 -11.95 2.11 -4.95
N GLY A 84 -12.61 3.17 -5.40
CA GLY A 84 -13.66 3.79 -4.61
C GLY A 84 -14.04 5.22 -4.96
N ALA A 85 -15.31 5.56 -4.75
CA ALA A 85 -15.84 6.87 -5.13
C ALA A 85 -15.19 7.98 -4.30
N PRO A 86 -15.39 9.25 -4.67
CA PRO A 86 -14.70 10.34 -3.96
C PRO A 86 -15.01 10.31 -2.46
N GLN A 87 -14.00 10.66 -1.66
CA GLN A 87 -14.13 10.80 -0.19
C GLN A 87 -14.52 9.50 0.49
N THR A 88 -14.16 8.35 -0.07
CA THR A 88 -14.51 7.09 0.58
C THR A 88 -13.41 6.51 1.46
N GLY A 89 -12.18 7.02 1.35
CA GLY A 89 -11.13 6.59 2.25
C GLY A 89 -9.89 6.00 1.61
N LYS A 90 -9.70 6.25 0.31
CA LYS A 90 -8.56 5.68 -0.38
C LYS A 90 -7.25 6.23 0.16
N SER A 91 -7.14 7.55 0.26
CA SER A 91 -5.88 8.15 0.72
C SER A 91 -5.61 7.79 2.18
N THR A 92 -6.64 7.76 3.02
CA THR A 92 -6.45 7.41 4.42
C THR A 92 -5.94 6.00 4.55
N LEU A 93 -6.46 5.08 3.75
CA LEU A 93 -5.96 3.71 3.77
C LEU A 93 -4.48 3.68 3.43
N LEU A 94 -4.05 4.47 2.45
CA LEU A 94 -2.63 4.50 2.11
C LEU A 94 -1.80 5.01 3.29
N GLN A 95 -2.24 6.08 3.95
CA GLN A 95 -1.57 6.53 5.16
C GLN A 95 -1.52 5.41 6.20
N THR A 96 -2.64 4.72 6.40
CA THR A 96 -2.67 3.65 7.40
C THR A 96 -1.70 2.53 7.02
N MET A 97 -1.68 2.17 5.74
CA MET A 97 -0.81 1.12 5.26
C MET A 97 0.66 1.45 5.52
N VAL A 98 1.07 2.67 5.21
CA VAL A 98 2.48 3.02 5.33
C VAL A 98 2.88 3.09 6.79
N MET A 99 2.06 3.77 7.61
CA MET A 99 2.33 3.83 9.05
C MET A 99 2.33 2.43 9.65
N SER A 100 1.38 1.59 9.24
CA SER A 100 1.33 0.25 9.83
C SER A 100 2.59 -0.52 9.45
N ALA A 101 2.98 -0.44 8.18
CA ALA A 101 4.22 -1.08 7.74
C ALA A 101 5.42 -0.55 8.52
N ALA A 102 5.50 0.78 8.65
CA ALA A 102 6.66 1.39 9.28
C ALA A 102 6.74 1.06 10.78
N ALA A 103 5.58 0.93 11.44
CA ALA A 103 5.56 0.60 12.86
C ALA A 103 6.03 -0.82 13.14
N THR A 104 5.94 -1.73 12.16
CA THR A 104 6.19 -3.14 12.39
C THR A 104 7.31 -3.73 11.56
N HIS A 105 8.03 -2.92 10.79
CA HIS A 105 9.11 -3.42 9.95
C HIS A 105 10.28 -2.45 10.03
N SER A 106 11.43 -2.94 9.70
CA SER A 106 12.52 -1.99 9.79
C SER A 106 12.69 -1.25 8.46
N PRO A 107 13.18 -0.01 8.47
CA PRO A 107 13.43 0.69 7.20
C PRO A 107 14.46 -0.01 6.32
N ARG A 108 15.24 -0.96 6.86
CA ARG A 108 16.14 -1.73 6.02
C ARG A 108 15.37 -2.66 5.09
N ASN A 109 14.18 -3.09 5.50
CA ASN A 109 13.48 -4.15 4.80
C ASN A 109 12.25 -3.70 4.02
N VAL A 110 11.70 -2.52 4.34
CA VAL A 110 10.52 -2.00 3.65
C VAL A 110 10.77 -0.54 3.33
N GLN A 111 10.56 -0.16 2.06
CA GLN A 111 10.71 1.21 1.59
C GLN A 111 9.52 1.58 0.72
N PHE A 112 9.06 2.82 0.85
CA PHE A 112 7.93 3.33 0.09
C PHE A 112 8.34 4.57 -0.70
N TYR A 113 7.91 4.63 -1.96
CA TYR A 113 8.03 5.83 -2.80
C TYR A 113 6.63 6.22 -3.25
N CYS A 114 6.25 7.47 -2.99
CA CYS A 114 4.87 7.90 -3.10
C CYS A 114 4.70 8.94 -4.20
N ILE A 115 3.70 8.75 -5.04
CA ILE A 115 3.26 9.76 -5.99
C ILE A 115 1.87 10.18 -5.53
N ASP A 116 1.78 11.38 -4.94
CA ASP A 116 0.57 11.85 -4.28
C ASP A 116 -0.21 12.75 -5.23
N LEU A 117 -1.19 12.17 -5.92
CA LEU A 117 -2.13 12.96 -6.70
C LEU A 117 -3.57 12.74 -6.23
N GLY A 118 -3.75 12.34 -4.98
CA GLY A 118 -5.05 12.01 -4.42
C GLY A 118 -5.47 12.85 -3.22
N GLY A 119 -4.93 14.05 -3.09
CA GLY A 119 -5.40 14.94 -2.05
C GLY A 119 -4.29 15.62 -1.28
N GLY A 120 -3.05 15.18 -1.44
CA GLY A 120 -1.91 15.76 -0.73
C GLY A 120 -1.56 15.11 0.59
N GLY A 121 -2.36 14.14 1.06
CA GLY A 121 -2.17 13.57 2.41
C GLY A 121 -0.88 12.79 2.60
N LEU A 122 -0.24 12.31 1.53
CA LEU A 122 0.92 11.46 1.74
C LEU A 122 2.15 12.22 2.22
N ILE A 123 2.15 13.55 2.14
CA ILE A 123 3.33 14.31 2.52
C ILE A 123 3.67 14.10 3.99
N TYR A 124 2.66 13.94 4.84
CA TYR A 124 2.92 13.81 6.28
C TYR A 124 3.59 12.50 6.65
N LEU A 125 3.82 11.62 5.67
CA LEU A 125 4.54 10.37 5.87
C LEU A 125 6.02 10.48 5.58
N GLU A 126 6.49 11.64 5.11
CA GLU A 126 7.81 11.68 4.48
C GLU A 126 8.96 11.59 5.48
N ASN A 127 8.74 11.94 6.75
CA ASN A 127 9.84 11.84 7.71
C ASN A 127 10.04 10.43 8.24
N LEU A 128 9.17 9.49 7.92
CA LEU A 128 9.47 8.09 8.22
C LEU A 128 10.75 7.68 7.50
N PRO A 129 11.68 6.99 8.16
CA PRO A 129 12.87 6.51 7.43
C PRO A 129 12.51 5.47 6.37
N HIS A 130 11.32 4.86 6.45
CA HIS A 130 10.88 3.92 5.42
C HIS A 130 10.50 4.60 4.11
N VAL A 131 10.25 5.90 4.11
CA VAL A 131 9.73 6.58 2.93
C VAL A 131 10.90 7.28 2.24
N GLY A 132 11.20 6.84 1.01
CA GLY A 132 12.33 7.41 0.28
C GLY A 132 12.00 8.71 -0.41
N GLY A 133 10.72 9.03 -0.55
CA GLY A 133 10.29 10.26 -1.20
C GLY A 133 8.79 10.29 -1.41
N VAL A 134 8.21 11.49 -1.35
CA VAL A 134 6.82 11.74 -1.71
C VAL A 134 6.84 12.83 -2.76
N ALA A 135 6.29 12.53 -3.93
CA ALA A 135 6.25 13.48 -5.04
C ALA A 135 4.79 13.84 -5.32
N ASN A 136 4.56 15.12 -5.60
CA ASN A 136 3.21 15.57 -5.94
C ASN A 136 3.22 16.38 -7.22
N ARG A 137 2.11 17.07 -7.49
CA ARG A 137 1.95 17.84 -8.72
C ARG A 137 3.01 18.93 -8.85
N SER A 138 3.29 19.64 -7.76
CA SER A 138 4.16 20.81 -7.79
C SER A 138 5.62 20.49 -8.09
N GLU A 139 6.00 19.23 -8.26
CA GLU A 139 7.37 18.89 -8.66
C GLU A 139 7.32 17.69 -9.60
N PRO A 140 7.04 17.94 -10.88
CA PRO A 140 6.98 16.84 -11.85
C PRO A 140 8.29 16.10 -12.05
N ASP A 141 9.43 16.80 -11.93
CA ASP A 141 10.72 16.14 -12.06
C ASP A 141 10.84 14.98 -11.06
N LYS A 142 10.32 15.16 -9.84
CA LYS A 142 10.40 14.12 -8.82
C LYS A 142 9.50 12.94 -9.17
N VAL A 143 8.33 13.18 -9.75
CA VAL A 143 7.50 12.07 -10.19
C VAL A 143 8.27 11.21 -11.17
N ASN A 144 9.00 11.84 -12.10
CA ASN A 144 9.79 11.09 -13.08
C ASN A 144 10.97 10.41 -12.42
N ARG A 145 11.67 11.08 -11.50
CA ARG A 145 12.78 10.45 -10.81
C ARG A 145 12.31 9.25 -9.99
N VAL A 146 11.11 9.34 -9.41
CA VAL A 146 10.60 8.24 -8.60
C VAL A 146 10.36 7.00 -9.45
N VAL A 147 9.64 7.15 -10.56
CA VAL A 147 9.44 6.00 -11.45
C VAL A 147 10.78 5.47 -11.96
N ALA A 148 11.68 6.37 -12.38
CA ALA A 148 12.98 5.91 -12.87
C ALA A 148 13.75 5.13 -11.80
N GLU A 149 13.63 5.53 -10.52
CA GLU A 149 14.32 4.81 -9.44
C GLU A 149 13.73 3.41 -9.23
N MET A 150 12.41 3.28 -9.23
CA MET A 150 11.83 1.95 -9.13
C MET A 150 12.32 1.06 -10.29
N GLN A 151 12.33 1.60 -11.51
CA GLN A 151 12.86 0.84 -12.63
C GLN A 151 14.31 0.43 -12.39
N ALA A 152 15.14 1.36 -11.88
CA ALA A 152 16.54 1.05 -11.63
C ALA A 152 16.69 -0.14 -10.67
N VAL A 153 15.89 -0.17 -9.61
CA VAL A 153 15.97 -1.29 -8.66
C VAL A 153 15.61 -2.60 -9.36
N MET A 154 14.44 -2.65 -10.01
CA MET A 154 13.98 -3.89 -10.64
C MET A 154 15.01 -4.38 -11.65
N ARG A 155 15.60 -3.45 -12.35
CA ARG A 155 16.53 -3.75 -13.42
C ARG A 155 17.90 -4.14 -12.88
N GLN A 156 18.31 -3.55 -11.75
CA GLN A 156 19.49 -4.04 -11.05
C GLN A 156 19.23 -5.41 -10.41
N ARG A 157 18.03 -5.59 -9.83
CA ARG A 157 17.70 -6.88 -9.21
C ARG A 157 17.78 -8.02 -10.22
N GLU A 158 17.38 -7.76 -11.47
CA GLU A 158 17.39 -8.83 -12.46
C GLU A 158 18.81 -9.33 -12.70
N THR A 159 19.78 -8.41 -12.82
CA THR A 159 21.17 -8.83 -12.95
C THR A 159 21.69 -9.43 -11.64
N THR A 160 21.36 -8.82 -10.51
CA THR A 160 21.85 -9.29 -9.21
C THR A 160 21.41 -10.74 -8.96
N PHE A 161 20.13 -11.02 -9.15
CA PHE A 161 19.60 -12.36 -8.87
C PHE A 161 20.31 -13.41 -9.70
N LYS A 162 20.60 -13.11 -10.96
CA LYS A 162 21.32 -14.06 -11.81
C LYS A 162 22.76 -14.24 -11.34
N GLU A 163 23.47 -13.13 -11.09
CA GLU A 163 24.90 -13.20 -10.84
C GLU A 163 25.20 -13.82 -9.49
N HIS A 164 24.37 -13.52 -8.48
CA HIS A 164 24.49 -14.06 -7.13
C HIS A 164 23.72 -15.36 -6.95
N ARG A 165 23.20 -15.94 -8.04
CA ARG A 165 22.48 -17.22 -8.00
C ARG A 165 21.42 -17.22 -6.88
N VAL A 166 20.54 -16.23 -6.94
CA VAL A 166 19.43 -16.10 -5.99
C VAL A 166 18.18 -16.67 -6.66
N GLY A 167 17.58 -17.68 -6.03
CA GLY A 167 16.50 -18.41 -6.67
C GLY A 167 15.13 -17.77 -6.59
N SER A 168 14.93 -16.81 -5.69
CA SER A 168 13.60 -16.27 -5.45
C SER A 168 13.71 -15.06 -4.54
N ILE A 169 12.68 -14.22 -4.57
CA ILE A 169 12.65 -13.08 -3.65
C ILE A 169 12.64 -13.57 -2.21
N GLY A 170 11.94 -14.68 -1.94
CA GLY A 170 11.99 -15.27 -0.61
C GLY A 170 13.40 -15.53 -0.13
N MET A 171 14.22 -16.15 -0.98
CA MET A 171 15.62 -16.39 -0.63
C MET A 171 16.40 -15.07 -0.50
N TYR A 172 16.12 -14.10 -1.37
CA TYR A 172 16.81 -12.82 -1.29
C TYR A 172 16.57 -12.13 0.05
N ARG A 173 15.33 -12.20 0.56
CA ARG A 173 15.04 -11.58 1.85
C ARG A 173 15.85 -12.24 2.98
N GLN A 174 16.04 -13.56 2.91
CA GLN A 174 16.86 -14.24 3.92
C GLN A 174 18.32 -13.81 3.80
N LEU A 175 18.84 -13.84 2.58
CA LEU A 175 20.26 -13.51 2.40
C LEU A 175 20.58 -12.12 2.93
N ARG A 176 19.65 -11.17 2.78
CA ARG A 176 19.91 -9.82 3.25
C ARG A 176 19.94 -9.73 4.77
N ASP A 177 19.31 -10.66 5.48
CA ASP A 177 19.41 -10.71 6.94
C ASP A 177 20.72 -11.28 7.44
N ASP A 178 21.61 -11.73 6.54
CA ASP A 178 22.92 -12.28 6.91
C ASP A 178 23.98 -11.29 6.49
N PRO A 179 24.59 -10.55 7.44
CA PRO A 179 25.51 -9.47 7.04
C PRO A 179 26.75 -9.94 6.29
N SER A 180 27.06 -11.24 6.31
CA SER A 180 28.20 -11.75 5.55
C SER A 180 27.87 -12.05 4.09
N GLN A 181 26.60 -11.95 3.69
CA GLN A 181 26.24 -12.22 2.30
C GLN A 181 26.55 -11.02 1.42
N PRO A 182 27.17 -11.20 0.25
CA PRO A 182 27.38 -10.07 -0.66
C PRO A 182 26.10 -9.29 -0.93
N VAL A 183 24.96 -9.98 -0.97
CA VAL A 183 23.70 -9.34 -1.28
C VAL A 183 23.23 -8.45 -0.14
N ALA A 184 23.74 -8.66 1.07
CA ALA A 184 23.28 -7.87 2.22
C ALA A 184 23.71 -6.42 2.13
N SER A 185 24.63 -6.08 1.24
CA SER A 185 24.96 -4.67 1.08
C SER A 185 23.89 -3.90 0.29
N ASP A 186 22.93 -4.59 -0.33
CA ASP A 186 21.82 -3.91 -0.98
C ASP A 186 21.03 -3.11 0.05
N PRO A 187 20.99 -1.77 -0.04
CA PRO A 187 20.25 -1.00 0.97
C PRO A 187 18.75 -1.14 0.84
N TYR A 188 18.28 -1.64 -0.29
CA TYR A 188 16.87 -1.82 -0.56
C TYR A 188 16.43 -3.21 -0.15
N GLY A 189 15.19 -3.29 0.32
CA GLY A 189 14.57 -4.55 0.62
C GLY A 189 13.39 -4.77 -0.32
N ASP A 190 12.19 -4.80 0.23
CA ASP A 190 10.99 -4.77 -0.59
C ASP A 190 10.60 -3.31 -0.79
N VAL A 191 10.55 -2.87 -2.04
CA VAL A 191 10.33 -1.49 -2.42
C VAL A 191 8.93 -1.36 -2.97
N PHE A 192 8.15 -0.41 -2.44
CA PHE A 192 6.77 -0.22 -2.84
C PHE A 192 6.60 1.15 -3.48
N LEU A 193 6.05 1.17 -4.68
CA LEU A 193 5.64 2.39 -5.38
C LEU A 193 4.15 2.62 -5.15
N ILE A 194 3.80 3.73 -4.50
CA ILE A 194 2.41 4.11 -4.27
C ILE A 194 2.02 5.20 -5.24
N ILE A 195 0.90 4.99 -5.96
CA ILE A 195 0.33 6.01 -6.86
C ILE A 195 -1.09 6.27 -6.38
N ASP A 196 -1.30 7.39 -5.69
CA ASP A 196 -2.63 7.79 -5.23
C ASP A 196 -3.21 8.72 -6.28
N GLY A 197 -4.21 8.25 -7.02
CA GLY A 197 -4.81 9.03 -8.10
C GLY A 197 -4.35 8.65 -9.50
N TRP A 198 -4.68 7.43 -9.90
CA TRP A 198 -4.22 6.91 -11.21
C TRP A 198 -4.65 7.76 -12.40
N PRO A 199 -5.93 8.12 -12.57
CA PRO A 199 -6.30 8.87 -13.80
C PRO A 199 -5.57 10.18 -13.94
N GLY A 200 -5.40 10.94 -12.85
CA GLY A 200 -4.60 12.14 -12.90
C GLY A 200 -3.14 11.85 -13.20
N PHE A 201 -2.65 10.69 -12.75
CA PHE A 201 -1.28 10.30 -13.03
C PHE A 201 -1.07 10.04 -14.52
N VAL A 202 -1.87 9.13 -15.09
CA VAL A 202 -1.73 8.89 -16.52
C VAL A 202 -2.05 10.14 -17.31
N GLY A 203 -2.99 10.95 -16.82
CA GLY A 203 -3.35 12.18 -17.52
C GLY A 203 -2.20 13.16 -17.63
N GLU A 204 -1.44 13.33 -16.55
CA GLU A 204 -0.32 14.29 -16.59
C GLU A 204 1.01 13.66 -16.95
N PHE A 205 1.17 12.35 -16.76
CA PHE A 205 2.43 11.66 -17.07
C PHE A 205 2.15 10.47 -17.98
N PRO A 206 1.59 10.71 -19.17
CA PRO A 206 1.17 9.58 -20.02
C PRO A 206 2.27 8.59 -20.34
N ASP A 207 3.52 9.04 -20.51
CA ASP A 207 4.60 8.14 -20.84
C ASP A 207 5.08 7.31 -19.66
N LEU A 208 4.64 7.63 -18.45
CA LEU A 208 4.99 6.80 -17.31
C LEU A 208 4.05 5.61 -17.13
N GLU A 209 2.89 5.61 -17.79
CA GLU A 209 1.97 4.48 -17.68
C GLU A 209 2.67 3.17 -18.06
N GLY A 210 3.31 3.15 -19.23
CA GLY A 210 3.98 1.95 -19.68
C GLY A 210 5.09 1.50 -18.76
N GLN A 211 5.82 2.45 -18.16
CA GLN A 211 6.84 2.06 -17.20
C GLN A 211 6.20 1.42 -15.95
N VAL A 212 5.06 1.95 -15.50
CA VAL A 212 4.46 1.39 -14.29
C VAL A 212 3.85 0.03 -14.59
N GLN A 213 3.25 -0.13 -15.78
CA GLN A 213 2.77 -1.45 -16.19
C GLN A 213 3.89 -2.49 -16.06
N ASP A 214 5.08 -2.14 -16.57
CA ASP A 214 6.21 -3.07 -16.51
C ASP A 214 6.59 -3.37 -15.07
N LEU A 215 6.57 -2.36 -14.19
CA LEU A 215 6.86 -2.62 -12.79
C LEU A 215 5.83 -3.55 -12.15
N ALA A 216 4.56 -3.38 -12.50
CA ALA A 216 3.52 -4.20 -11.87
C ALA A 216 3.61 -5.65 -12.29
N ALA A 217 3.96 -5.90 -13.55
CA ALA A 217 3.90 -7.25 -14.11
C ALA A 217 5.18 -8.04 -13.90
N GLN A 218 6.30 -7.37 -13.67
CA GLN A 218 7.61 -8.01 -13.51
C GLN A 218 8.26 -7.77 -12.14
N GLY A 219 7.76 -6.80 -11.35
CA GLY A 219 8.49 -6.39 -10.16
C GLY A 219 8.44 -7.39 -9.00
N LEU A 220 7.33 -8.10 -8.84
CA LEU A 220 7.15 -8.88 -7.61
C LEU A 220 8.18 -9.99 -7.48
N ALA A 221 8.63 -10.56 -8.61
CA ALA A 221 9.69 -11.57 -8.56
C ALA A 221 10.99 -11.01 -8.02
N PHE A 222 11.13 -9.69 -7.98
CA PHE A 222 12.36 -9.02 -7.57
C PHE A 222 12.13 -8.09 -6.39
N GLY A 223 11.03 -8.28 -5.65
CA GLY A 223 10.75 -7.47 -4.49
C GLY A 223 10.36 -6.03 -4.78
N VAL A 224 9.86 -5.75 -5.99
CA VAL A 224 9.41 -4.42 -6.40
C VAL A 224 7.88 -4.46 -6.53
N HIS A 225 7.20 -3.60 -5.76
CA HIS A 225 5.76 -3.63 -5.60
C HIS A 225 5.13 -2.35 -6.14
N VAL A 226 3.86 -2.46 -6.54
CA VAL A 226 3.07 -1.37 -7.10
C VAL A 226 1.74 -1.32 -6.36
N ILE A 227 1.38 -0.14 -5.85
CA ILE A 227 0.15 0.08 -5.11
C ILE A 227 -0.52 1.30 -5.72
N ILE A 228 -1.74 1.13 -6.23
CA ILE A 228 -2.40 2.15 -7.05
C ILE A 228 -3.82 2.35 -6.57
N SER A 229 -4.24 3.60 -6.39
CA SER A 229 -5.63 3.92 -6.10
C SER A 229 -6.25 4.56 -7.32
N THR A 230 -7.55 4.30 -7.51
CA THR A 230 -8.30 4.95 -8.58
C THR A 230 -9.72 5.21 -8.10
N PRO A 231 -10.36 6.29 -8.56
CA PRO A 231 -11.78 6.46 -8.21
C PRO A 231 -12.66 5.45 -8.93
N ARG A 232 -12.33 5.10 -10.16
CA ARG A 232 -13.13 4.15 -10.93
C ARG A 232 -12.22 3.07 -11.50
N TRP A 233 -12.64 1.81 -11.38
CA TRP A 233 -11.82 0.72 -11.88
C TRP A 233 -11.61 0.82 -13.39
N THR A 234 -12.63 1.32 -14.10
CA THR A 234 -12.57 1.39 -15.56
C THR A 234 -11.45 2.31 -16.03
N GLU A 235 -11.00 3.25 -15.18
CA GLU A 235 -9.90 4.13 -15.55
C GLU A 235 -8.53 3.53 -15.29
N LEU A 236 -8.47 2.34 -14.68
CA LEU A 236 -7.21 1.62 -14.44
C LEU A 236 -7.23 0.41 -15.38
N LYS A 237 -6.48 0.50 -16.48
CA LYS A 237 -6.64 -0.46 -17.57
C LYS A 237 -6.16 -1.86 -17.16
N SER A 238 -6.78 -2.87 -17.81
CA SER A 238 -6.46 -4.29 -17.64
C SER A 238 -4.97 -4.59 -17.53
N ARG A 239 -4.19 -4.11 -18.50
CA ARG A 239 -2.78 -4.48 -18.57
C ARG A 239 -2.01 -4.07 -17.32
N VAL A 240 -2.53 -3.12 -16.55
CA VAL A 240 -1.96 -2.80 -15.23
C VAL A 240 -2.76 -3.46 -14.12
N ARG A 241 -4.09 -3.30 -14.16
CA ARG A 241 -4.96 -3.75 -13.09
C ARG A 241 -4.85 -5.25 -12.85
N ASP A 242 -4.62 -6.04 -13.92
CA ASP A 242 -4.56 -7.50 -13.79
C ASP A 242 -3.37 -7.97 -12.95
N TYR A 243 -2.38 -7.13 -12.71
CA TYR A 243 -1.21 -7.53 -11.95
C TYR A 243 -1.25 -7.01 -10.52
N LEU A 244 -2.38 -6.48 -10.10
CA LEU A 244 -2.61 -6.07 -8.72
C LEU A 244 -3.40 -7.20 -8.07
N GLY A 245 -2.70 -8.08 -7.35
CA GLY A 245 -3.31 -9.32 -6.89
C GLY A 245 -4.25 -9.14 -5.71
N THR A 246 -4.10 -8.07 -4.94
CA THR A 246 -5.03 -7.70 -3.88
C THR A 246 -5.81 -6.47 -4.33
N LYS A 247 -7.13 -6.59 -4.44
CA LYS A 247 -7.97 -5.45 -4.71
C LYS A 247 -8.76 -5.11 -3.45
N ILE A 248 -8.81 -3.82 -3.13
CA ILE A 248 -9.54 -3.28 -1.99
C ILE A 248 -10.51 -2.26 -2.54
N GLU A 249 -11.79 -2.35 -2.15
CA GLU A 249 -12.82 -1.59 -2.84
C GLU A 249 -13.75 -0.94 -1.82
N PHE A 250 -13.73 0.38 -1.78
CA PHE A 250 -14.72 1.13 -1.01
C PHE A 250 -16.01 1.24 -1.83
N ARG A 251 -16.98 1.98 -1.30
CA ARG A 251 -18.24 2.20 -1.99
C ARG A 251 -17.97 2.81 -3.35
N LEU A 252 -18.58 2.21 -4.38
CA LEU A 252 -18.36 2.56 -5.76
C LEU A 252 -19.45 3.51 -6.25
N GLY A 253 -19.09 4.32 -7.24
CA GLY A 253 -20.12 5.06 -7.96
C GLY A 253 -21.04 4.16 -8.76
N ASP A 254 -20.49 3.07 -9.30
CA ASP A 254 -21.27 2.09 -10.06
C ASP A 254 -20.95 0.69 -9.55
N VAL A 255 -21.85 0.13 -8.72
CA VAL A 255 -21.64 -1.20 -8.16
C VAL A 255 -21.49 -2.26 -9.24
N ASN A 256 -22.01 -2.02 -10.45
CA ASN A 256 -21.79 -2.93 -11.57
C ASN A 256 -20.33 -3.02 -12.00
N GLU A 257 -19.50 -2.06 -11.57
CA GLU A 257 -18.10 -2.01 -11.96
C GLU A 257 -17.18 -2.59 -10.90
N THR A 258 -17.74 -3.37 -9.97
CA THR A 258 -16.92 -3.90 -8.90
C THR A 258 -15.81 -4.79 -9.45
N GLN A 259 -14.73 -4.90 -8.68
CA GLN A 259 -13.61 -5.80 -9.02
C GLN A 259 -13.60 -6.94 -7.98
N ILE A 260 -14.61 -6.98 -7.12
CA ILE A 260 -14.72 -8.00 -6.04
C ILE A 260 -15.89 -8.92 -6.37
N ASP A 261 -17.12 -8.48 -6.13
CA ASP A 261 -18.37 -9.21 -6.44
C ASP A 261 -19.55 -8.39 -5.88
N ARG A 262 -20.76 -8.94 -5.93
CA ARG A 262 -22.00 -8.23 -5.51
C ARG A 262 -21.96 -7.80 -4.02
N ILE A 263 -21.13 -8.42 -3.19
CA ILE A 263 -20.96 -7.96 -1.80
C ILE A 263 -20.80 -6.44 -1.74
N THR A 264 -20.14 -5.86 -2.76
CA THR A 264 -19.92 -4.42 -2.78
C THR A 264 -21.24 -3.65 -2.72
N ARG A 265 -22.33 -4.25 -3.19
CA ARG A 265 -23.63 -3.59 -3.11
C ARG A 265 -24.04 -3.34 -1.66
N GLU A 266 -23.50 -4.10 -0.72
CA GLU A 266 -23.82 -4.03 0.69
C GLU A 266 -23.12 -2.90 1.42
N ILE A 267 -22.11 -2.28 0.79
CA ILE A 267 -21.40 -1.21 1.49
C ILE A 267 -22.34 -0.05 1.76
N PRO A 268 -22.49 0.41 2.99
CA PRO A 268 -23.38 1.55 3.24
C PRO A 268 -22.85 2.82 2.59
N ALA A 269 -23.79 3.66 2.14
CA ALA A 269 -23.44 4.98 1.62
C ALA A 269 -22.87 5.87 2.73
N ASN A 270 -21.97 6.75 2.35
CA ASN A 270 -21.46 7.79 3.25
C ASN A 270 -20.88 7.20 4.54
N ARG A 271 -20.11 6.12 4.41
CA ARG A 271 -19.38 5.51 5.52
C ARG A 271 -17.93 5.31 5.11
N PRO A 272 -17.14 6.40 5.08
CA PRO A 272 -15.75 6.27 4.63
C PRO A 272 -14.97 5.31 5.52
N GLY A 273 -14.18 4.46 4.89
CA GLY A 273 -13.46 3.44 5.59
C GLY A 273 -14.08 2.06 5.45
N ARG A 274 -15.35 1.99 5.06
CA ARG A 274 -16.01 0.72 4.80
C ARG A 274 -15.59 0.20 3.43
N ALA A 275 -15.05 -1.02 3.40
CA ALA A 275 -14.58 -1.60 2.16
C ALA A 275 -14.87 -3.09 2.13
N VAL A 276 -14.53 -3.71 0.99
CA VAL A 276 -14.60 -5.15 0.80
C VAL A 276 -13.34 -5.54 0.04
N SER A 277 -12.94 -6.80 0.18
CA SER A 277 -11.74 -7.24 -0.50
C SER A 277 -11.89 -8.70 -0.92
N MET A 278 -10.76 -9.37 -1.18
CA MET A 278 -10.78 -10.64 -1.89
C MET A 278 -11.45 -11.75 -1.10
N GLU A 279 -11.52 -11.64 0.23
CA GLU A 279 -12.14 -12.71 1.02
C GLU A 279 -13.64 -12.52 1.17
N LYS A 280 -14.19 -11.47 0.56
CA LYS A 280 -15.64 -11.26 0.47
C LYS A 280 -16.24 -11.10 1.88
N HIS A 281 -15.56 -10.31 2.70
CA HIS A 281 -16.05 -9.95 4.02
C HIS A 281 -15.97 -8.44 4.15
N HIS A 282 -16.96 -7.86 4.84
CA HIS A 282 -16.94 -6.43 5.08
C HIS A 282 -15.77 -6.03 5.97
N LEU A 283 -15.16 -4.91 5.62
CA LEU A 283 -14.03 -4.34 6.34
C LEU A 283 -14.34 -2.92 6.78
N MET A 284 -13.74 -2.54 7.91
CA MET A 284 -13.66 -1.15 8.34
C MET A 284 -12.18 -0.79 8.46
N ILE A 285 -11.71 0.09 7.58
CA ILE A 285 -10.31 0.49 7.63
C ILE A 285 -10.04 1.33 8.87
N GLY A 286 -8.94 1.01 9.55
CA GLY A 286 -8.50 1.78 10.70
C GLY A 286 -7.81 3.07 10.30
N VAL A 287 -7.43 3.86 11.32
CA VAL A 287 -6.89 5.20 11.09
C VAL A 287 -5.39 5.27 11.40
N PRO A 288 -4.63 6.13 10.71
CA PRO A 288 -3.16 6.09 10.81
C PRO A 288 -2.65 6.90 12.00
N ARG A 289 -3.00 6.46 13.21
CA ARG A 289 -2.67 7.17 14.43
C ARG A 289 -2.39 6.16 15.53
N PHE A 290 -1.69 6.63 16.57
CA PHE A 290 -1.22 5.75 17.62
C PHE A 290 -1.62 6.23 19.01
N ASP A 291 -2.53 7.20 19.10
CA ASP A 291 -2.93 7.79 20.36
C ASP A 291 -4.20 7.18 20.96
N GLY A 292 -4.67 6.04 20.44
CA GLY A 292 -5.86 5.41 21.00
C GLY A 292 -7.18 6.06 20.65
N VAL A 293 -7.20 7.00 19.72
CA VAL A 293 -8.41 7.75 19.41
C VAL A 293 -9.11 7.08 18.22
N HIS A 294 -10.40 6.73 18.42
CA HIS A 294 -11.16 6.00 17.40
C HIS A 294 -11.89 6.94 16.44
N SER A 295 -11.15 7.79 15.74
CA SER A 295 -11.79 8.62 14.72
C SER A 295 -10.72 9.10 13.74
N ALA A 296 -11.20 9.74 12.67
CA ALA A 296 -10.34 10.39 11.68
C ALA A 296 -10.26 11.91 11.88
N ASP A 297 -10.69 12.42 13.03
CA ASP A 297 -10.57 13.84 13.30
C ASP A 297 -9.14 14.18 13.72
N ASN A 298 -8.70 15.39 13.38
CA ASN A 298 -7.38 15.90 13.75
C ASN A 298 -6.28 14.93 13.32
N LEU A 299 -6.43 14.36 12.14
CA LEU A 299 -5.58 13.28 11.69
C LEU A 299 -4.22 13.78 11.23
N VAL A 300 -4.15 14.95 10.61
CA VAL A 300 -2.84 15.49 10.24
C VAL A 300 -1.94 15.56 11.47
N GLU A 301 -2.45 16.12 12.56
CA GLU A 301 -1.65 16.20 13.78
C GLU A 301 -1.34 14.82 14.34
N ALA A 302 -2.32 13.91 14.30
CA ALA A 302 -2.10 12.57 14.85
C ALA A 302 -1.08 11.78 14.03
N ILE A 303 -1.08 11.95 12.71
CA ILE A 303 -0.10 11.25 11.88
C ILE A 303 1.33 11.61 12.29
N THR A 304 1.61 12.92 12.42
CA THR A 304 2.94 13.35 12.85
C THR A 304 3.29 12.78 14.23
N ALA A 305 2.38 12.90 15.20
CA ALA A 305 2.59 12.24 16.48
C ALA A 305 2.89 10.74 16.31
N GLY A 306 2.17 10.07 15.41
CA GLY A 306 2.45 8.67 15.16
C GLY A 306 3.87 8.45 14.65
N VAL A 307 4.28 9.24 13.66
CA VAL A 307 5.63 9.10 13.11
C VAL A 307 6.67 9.28 14.21
N THR A 308 6.48 10.31 15.05
CA THR A 308 7.38 10.53 16.17
C THR A 308 7.43 9.31 17.07
N GLN A 309 6.25 8.78 17.43
CA GLN A 309 6.17 7.61 18.30
C GLN A 309 6.87 6.40 17.68
N ILE A 310 6.71 6.20 16.37
CA ILE A 310 7.37 5.09 15.69
C ILE A 310 8.87 5.18 15.87
N ALA A 311 9.42 6.40 15.95
CA ALA A 311 10.86 6.56 16.17
C ALA A 311 11.34 5.86 17.44
N SER A 312 10.41 5.46 18.33
CA SER A 312 10.63 4.48 19.40
C SER A 312 11.76 4.88 20.33
#